data_6AIE
#
_entry.id   6AIE
#
_cell.length_a   95.782
_cell.length_b   55.300
_cell.length_c   100.740
_cell.angle_alpha   90.00
_cell.angle_beta   90.00
_cell.angle_gamma   90.00
#
_symmetry.space_group_name_H-M   'C 1 2 1'
#
loop_
_entity.id
_entity.type
_entity.pdbx_description
1 polymer 'Putative methyltransferase'
2 water water
#
_entity_poly.entity_id   1
_entity_poly.type   'polypeptide(L)'
_entity_poly.pdbx_seq_one_letter_code
;SMTRIIGGVAGGRRIAVPPRGTRPTTDRVRESLFNIVTARRDLTGLAVLDLYAGSGALGLEALSRGAASVLFVESDQRSA
AVIARNIEALGLSGATLRRGAVAAVVAAGTTSPVDLVLADPPYNVDSADVDAILAALGTNGWTREGTVAVVERATTCAPL
TWPEGWRRWPQRVYGDTRLELAERLFANV
;
_entity_poly.pdbx_strand_id   A,B,C
#
# COMPACT_ATOMS: atom_id res chain seq x y z
N SER A 1 -22.66 -2.29 20.10
CA SER A 1 -21.97 -3.53 20.53
C SER A 1 -20.45 -3.27 20.67
N MET A 2 -19.75 -4.29 21.18
CA MET A 2 -18.31 -4.25 21.44
C MET A 2 -17.63 -5.41 20.70
N THR A 3 -16.33 -5.28 20.44
CA THR A 3 -15.49 -6.42 20.05
C THR A 3 -14.21 -6.36 20.89
N ARG A 4 -13.34 -7.36 20.83
CA ARG A 4 -12.08 -7.34 21.58
C ARG A 4 -10.86 -7.19 20.65
N ILE A 5 -9.83 -6.50 21.16
CA ILE A 5 -8.50 -6.52 20.55
C ILE A 5 -8.10 -7.98 20.77
N ILE A 6 -7.47 -8.60 19.76
CA ILE A 6 -7.02 -10.00 19.83
C ILE A 6 -5.68 -10.22 20.51
N GLY A 7 -4.63 -9.57 20.03
CA GLY A 7 -3.30 -9.75 20.60
C GLY A 7 -2.55 -8.51 20.91
N GLY A 8 -1.26 -8.64 21.21
CA GLY A 8 -0.44 -7.47 21.59
C GLY A 8 -0.66 -7.03 23.03
N VAL A 9 -0.09 -5.88 23.42
CA VAL A 9 -0.18 -5.41 24.82
C VAL A 9 -1.63 -5.16 25.29
N ALA A 10 -2.57 -4.83 24.39
CA ALA A 10 -3.98 -4.63 24.77
C ALA A 10 -4.86 -5.84 24.41
N GLY A 11 -4.24 -7.01 24.22
CA GLY A 11 -4.98 -8.23 23.82
C GLY A 11 -6.05 -8.46 24.86
N GLY A 12 -7.25 -8.78 24.42
CA GLY A 12 -8.36 -9.01 25.35
C GLY A 12 -9.17 -7.79 25.72
N ARG A 13 -8.68 -6.60 25.38
CA ARG A 13 -9.35 -5.39 25.80
C ARG A 13 -10.52 -5.05 24.86
N ARG A 14 -11.61 -4.53 25.40
CA ARG A 14 -12.81 -4.25 24.58
C ARG A 14 -12.81 -2.92 23.96
N ILE A 15 -13.41 -2.86 22.80
CA ILE A 15 -13.55 -1.61 22.10
C ILE A 15 -14.94 -1.53 21.56
N ALA A 16 -15.43 -0.30 21.39
CA ALA A 16 -16.76 -0.07 20.85
C ALA A 16 -16.81 -0.16 19.34
N VAL A 17 -18.00 -0.50 18.82
CA VAL A 17 -18.22 -0.65 17.40
C VAL A 17 -19.36 0.29 17.05
N PRO A 18 -19.20 1.11 15.99
CA PRO A 18 -20.33 1.97 15.59
C PRO A 18 -21.55 1.14 15.12
N PRO A 19 -22.68 1.80 14.76
CA PRO A 19 -23.76 1.12 13.98
C PRO A 19 -23.18 0.24 12.84
N ARG A 20 -23.38 -1.08 12.98
CA ARG A 20 -22.52 -2.18 12.46
C ARG A 20 -21.92 -2.19 11.02
N GLY A 21 -20.95 -3.11 10.85
CA GLY A 21 -20.32 -3.49 9.57
C GLY A 21 -21.08 -4.48 8.67
N THR A 22 -21.07 -5.80 8.92
CA THR A 22 -20.60 -6.44 10.17
C THR A 22 -19.13 -6.87 10.06
N THR A 26 -15.34 -10.20 11.71
CA THR A 26 -15.29 -11.21 12.78
C THR A 26 -13.91 -11.31 13.43
N ASP A 27 -13.89 -11.96 14.60
CA ASP A 27 -12.67 -12.15 15.37
C ASP A 27 -11.69 -13.02 14.60
N ARG A 28 -12.19 -14.11 13.99
CA ARG A 28 -11.35 -14.95 13.14
C ARG A 28 -10.71 -14.16 12.00
N VAL A 29 -11.48 -13.25 11.36
CA VAL A 29 -10.94 -12.47 10.25
C VAL A 29 -9.82 -11.58 10.72
N ARG A 30 -10.07 -10.87 11.82
CA ARG A 30 -9.04 -9.95 12.37
C ARG A 30 -7.84 -10.76 12.89
N GLU A 31 -8.09 -11.86 13.59
CA GLU A 31 -6.97 -12.70 14.10
C GLU A 31 -6.12 -13.20 12.93
N SER A 32 -6.81 -13.71 11.91
CA SER A 32 -6.10 -14.30 10.81
C SER A 32 -5.38 -13.25 10.03
N LEU A 33 -5.99 -12.10 9.78
CA LEU A 33 -5.26 -11.01 9.15
C LEU A 33 -3.89 -10.77 9.81
N PHE A 34 -3.88 -10.58 11.10
CA PHE A 34 -2.63 -10.23 11.75
C PHE A 34 -1.63 -11.42 11.85
N ASN A 35 -2.14 -12.65 11.98
CA ASN A 35 -1.30 -13.89 11.83
C ASN A 35 -0.55 -13.90 10.51
N ILE A 36 -1.26 -13.53 9.45
CA ILE A 36 -0.68 -13.49 8.10
C ILE A 36 0.41 -12.40 7.97
N VAL A 37 0.04 -11.17 8.39
CA VAL A 37 0.94 -10.05 8.28
C VAL A 37 2.16 -10.24 9.21
N THR A 38 1.90 -10.64 10.43
CA THR A 38 2.97 -10.64 11.45
C THR A 38 3.85 -11.90 11.28
N ALA A 39 3.42 -12.85 10.46
CA ALA A 39 4.30 -13.92 10.00
C ALA A 39 5.38 -13.41 9.07
N ARG A 40 5.03 -12.48 8.21
CA ARG A 40 5.88 -11.91 7.12
C ARG A 40 6.58 -10.51 7.31
N ARG A 41 6.31 -9.84 8.43
CA ARG A 41 6.77 -8.46 8.71
C ARG A 41 6.79 -8.34 10.25
N ASP A 42 7.75 -7.64 10.83
CA ASP A 42 7.74 -7.26 12.24
C ASP A 42 6.82 -5.99 12.35
N LEU A 43 5.84 -5.91 13.24
CA LEU A 43 5.05 -4.62 13.38
C LEU A 43 5.82 -3.54 14.09
N THR A 44 6.87 -3.92 14.84
CA THR A 44 7.67 -2.98 15.58
C THR A 44 8.16 -1.89 14.73
N GLY A 45 7.78 -0.70 15.08
CA GLY A 45 8.28 0.51 14.46
C GLY A 45 7.56 0.89 13.18
N LEU A 46 6.54 0.13 12.79
CA LEU A 46 5.92 0.40 11.51
C LEU A 46 4.88 1.53 11.62
N ALA A 47 4.68 2.21 10.51
CA ALA A 47 3.63 3.19 10.32
C ALA A 47 2.49 2.54 9.57
N VAL A 48 1.29 2.80 10.08
CA VAL A 48 0.12 2.13 9.59
C VAL A 48 -0.94 3.17 9.12
N LEU A 49 -1.69 2.85 8.07
CA LEU A 49 -2.82 3.66 7.62
C LEU A 49 -4.05 2.79 7.71
N ASP A 50 -5.10 3.21 8.45
CA ASP A 50 -6.33 2.44 8.55
C ASP A 50 -7.48 3.19 7.87
N LEU A 51 -7.82 2.80 6.62
CA LEU A 51 -8.82 3.48 5.82
C LEU A 51 -10.25 2.95 6.07
N TYR A 52 -11.23 3.85 6.05
CA TYR A 52 -12.63 3.47 6.32
C TYR A 52 -12.63 2.79 7.69
N ALA A 53 -11.96 3.39 8.66
CA ALA A 53 -11.61 2.70 9.89
C ALA A 53 -12.79 2.23 10.75
N GLY A 54 -13.95 2.89 10.70
CA GLY A 54 -15.14 2.36 11.40
C GLY A 54 -15.00 2.35 12.92
N SER A 55 -14.73 1.22 13.56
CA SER A 55 -14.46 1.19 14.99
C SER A 55 -13.00 1.50 15.32
N GLY A 56 -12.16 1.39 14.32
CA GLY A 56 -10.74 1.44 14.54
C GLY A 56 -10.08 0.11 14.95
N ALA A 57 -10.83 -0.99 14.95
CA ALA A 57 -10.35 -2.31 15.42
C ALA A 57 -9.06 -2.73 14.71
N LEU A 58 -8.96 -2.49 13.40
CA LEU A 58 -7.73 -2.96 12.68
C LEU A 58 -6.50 -2.16 13.07
N GLY A 59 -6.65 -0.85 13.06
CA GLY A 59 -5.51 -0.02 13.37
C GLY A 59 -5.13 -0.11 14.83
N LEU A 60 -6.12 -0.25 15.70
CA LEU A 60 -5.81 -0.39 17.12
C LEU A 60 -5.10 -1.74 17.43
N GLU A 61 -5.48 -2.80 16.71
CA GLU A 61 -4.78 -4.08 16.75
C GLU A 61 -3.33 -3.88 16.38
N ALA A 62 -3.05 -3.12 15.32
CA ALA A 62 -1.67 -2.89 14.87
C ALA A 62 -0.86 -2.16 15.95
N LEU A 63 -1.49 -1.14 16.53
CA LEU A 63 -0.85 -0.40 17.64
C LEU A 63 -0.58 -1.34 18.84
N SER A 64 -1.56 -2.16 19.17
CA SER A 64 -1.39 -3.11 20.27
C SER A 64 -0.18 -4.04 20.08
N ARG A 65 0.05 -4.41 18.83
CA ARG A 65 1.14 -5.31 18.49
C ARG A 65 2.45 -4.60 18.17
N GLY A 66 2.51 -3.29 18.40
CA GLY A 66 3.77 -2.62 18.39
C GLY A 66 4.00 -1.65 17.28
N ALA A 67 3.00 -1.36 16.44
CA ALA A 67 3.13 -0.32 15.43
C ALA A 67 3.51 1.02 16.05
N ALA A 68 4.37 1.76 15.38
CA ALA A 68 4.84 3.05 15.90
C ALA A 68 3.74 4.16 15.72
N SER A 69 2.96 4.06 14.65
CA SER A 69 1.89 4.99 14.40
C SER A 69 0.79 4.44 13.56
N VAL A 70 -0.43 4.93 13.80
CA VAL A 70 -1.58 4.66 12.97
C VAL A 70 -2.32 5.96 12.66
N LEU A 71 -2.59 6.20 11.39
CA LEU A 71 -3.45 7.25 10.96
C LEU A 71 -4.78 6.58 10.55
N PHE A 72 -5.80 6.80 11.37
CA PHE A 72 -7.17 6.39 11.11
C PHE A 72 -7.89 7.40 10.22
N VAL A 73 -8.51 6.92 9.15
CA VAL A 73 -9.24 7.81 8.30
C VAL A 73 -10.67 7.28 8.26
N GLU A 74 -11.64 8.15 8.55
CA GLU A 74 -13.08 7.78 8.62
C GLU A 74 -13.99 8.96 8.29
N SER A 75 -15.03 8.74 7.49
CA SER A 75 -15.94 9.83 7.06
C SER A 75 -17.07 10.07 8.07
N ASP A 76 -17.55 9.04 8.72
CA ASP A 76 -18.79 9.14 9.47
C ASP A 76 -18.47 9.72 10.83
N GLN A 77 -19.13 10.81 11.15
CA GLN A 77 -18.87 11.49 12.43
C GLN A 77 -19.07 10.63 13.68
N ARG A 78 -20.16 9.89 13.79
CA ARG A 78 -20.32 9.01 14.99
C ARG A 78 -19.20 7.94 15.06
N SER A 79 -18.80 7.41 13.91
CA SER A 79 -17.71 6.40 13.85
C SER A 79 -16.42 7.05 14.30
N ALA A 80 -16.16 8.29 13.87
CA ALA A 80 -14.93 8.98 14.32
C ALA A 80 -14.90 9.15 15.84
N ALA A 81 -16.07 9.42 16.43
CA ALA A 81 -16.27 9.57 17.88
C ALA A 81 -15.98 8.26 18.62
N VAL A 82 -16.42 7.14 18.05
CA VAL A 82 -16.13 5.81 18.56
C VAL A 82 -14.65 5.50 18.47
N ILE A 83 -14.03 5.79 17.33
CA ILE A 83 -12.57 5.59 17.18
C ILE A 83 -11.77 6.37 18.28
N ALA A 84 -12.12 7.65 18.46
CA ALA A 84 -11.49 8.47 19.43
C ALA A 84 -11.72 7.86 20.81
N ARG A 85 -12.93 7.43 21.10
CA ARG A 85 -13.13 6.83 22.41
C ARG A 85 -12.23 5.60 22.57
N ASN A 86 -12.09 4.80 21.51
CA ASN A 86 -11.33 3.59 21.62
C ASN A 86 -9.84 3.91 21.77
N ILE A 87 -9.31 4.93 21.07
CA ILE A 87 -7.89 5.30 21.23
C ILE A 87 -7.63 5.62 22.70
N GLU A 88 -8.51 6.46 23.25
CA GLU A 88 -8.47 6.79 24.69
C GLU A 88 -8.55 5.59 25.61
N ALA A 89 -9.56 4.74 25.44
CA ALA A 89 -9.79 3.60 26.31
C ALA A 89 -8.52 2.74 26.38
N LEU A 90 -7.91 2.52 25.22
CA LEU A 90 -6.72 1.66 25.11
C LEU A 90 -5.49 2.29 25.70
N GLY A 91 -5.35 3.59 25.54
CA GLY A 91 -4.22 4.30 26.13
C GLY A 91 -2.90 4.14 25.39
N LEU A 92 -2.92 3.81 24.10
CA LEU A 92 -1.69 3.55 23.37
C LEU A 92 -1.36 4.76 22.56
N SER A 93 -0.07 5.06 22.53
CA SER A 93 0.49 6.18 21.77
C SER A 93 0.55 5.89 20.31
N GLY A 94 0.67 6.94 19.52
CA GLY A 94 0.93 6.86 18.10
C GLY A 94 -0.26 7.02 17.19
N ALA A 95 -1.47 7.18 17.76
CA ALA A 95 -2.71 7.34 16.97
C ALA A 95 -3.01 8.77 16.57
N THR A 96 -3.37 8.96 15.31
CA THR A 96 -3.96 10.22 14.79
C THR A 96 -5.30 9.89 14.09
N LEU A 97 -6.34 10.70 14.31
CA LEU A 97 -7.63 10.52 13.65
C LEU A 97 -7.89 11.63 12.65
N ARG A 98 -8.12 11.28 11.41
CA ARG A 98 -8.49 12.23 10.44
C ARG A 98 -9.86 11.94 9.95
N ARG A 99 -10.79 12.85 10.24
CA ARG A 99 -12.21 12.68 9.84
C ARG A 99 -12.40 13.38 8.51
N GLY A 100 -12.74 12.62 7.50
CA GLY A 100 -12.98 13.17 6.21
C GLY A 100 -13.32 12.06 5.24
N ALA A 101 -13.62 12.48 4.00
CA ALA A 101 -13.97 11.56 2.95
C ALA A 101 -12.70 10.85 2.52
N VAL A 102 -12.74 9.54 2.63
CA VAL A 102 -11.57 8.72 2.58
C VAL A 102 -10.90 8.83 1.22
N ALA A 103 -11.66 8.73 0.15
CA ALA A 103 -11.03 8.83 -1.16
C ALA A 103 -10.41 10.20 -1.41
N ALA A 104 -11.04 11.24 -0.85
CA ALA A 104 -10.56 12.58 -1.03
C ALA A 104 -9.22 12.77 -0.25
N VAL A 105 -9.17 12.23 0.96
CA VAL A 105 -7.91 12.20 1.74
C VAL A 105 -6.82 11.50 0.95
N VAL A 106 -7.16 10.35 0.38
CA VAL A 106 -6.18 9.56 -0.31
C VAL A 106 -5.69 10.31 -1.55
N ALA A 107 -6.66 10.89 -2.25
CA ALA A 107 -6.38 11.79 -3.43
C ALA A 107 -5.38 12.93 -3.18
N ALA A 108 -5.51 13.57 -2.01
CA ALA A 108 -4.64 14.69 -1.71
C ALA A 108 -3.22 14.21 -1.30
N GLY A 109 -3.08 12.98 -0.87
CA GLY A 109 -1.73 12.40 -0.73
C GLY A 109 -1.04 12.76 0.56
N THR A 110 0.28 12.46 0.58
CA THR A 110 1.11 12.71 1.73
C THR A 110 2.59 12.74 1.34
N THR A 111 3.40 13.30 2.22
CA THR A 111 4.86 13.12 2.18
C THR A 111 5.38 12.10 3.18
N SER A 112 4.47 11.53 3.96
CA SER A 112 4.73 10.52 5.00
C SER A 112 4.23 9.09 4.66
N PRO A 113 5.07 8.28 3.95
CA PRO A 113 4.65 6.90 3.61
C PRO A 113 4.43 6.05 4.79
N VAL A 114 3.58 5.03 4.63
CA VAL A 114 3.34 4.02 5.65
C VAL A 114 3.88 2.65 5.17
N ASP A 115 4.03 1.76 6.12
CA ASP A 115 4.43 0.34 5.87
C ASP A 115 3.31 -0.66 5.77
N LEU A 116 2.12 -0.30 6.26
CA LEU A 116 0.99 -1.21 6.25
C LEU A 116 -0.31 -0.40 6.02
N VAL A 117 -1.08 -0.73 4.98
CA VAL A 117 -2.41 -0.16 4.75
C VAL A 117 -3.49 -1.20 5.06
N LEU A 118 -4.47 -0.87 5.93
CA LEU A 118 -5.58 -1.72 6.27
C LEU A 118 -6.81 -1.01 5.82
N ALA A 119 -7.73 -1.72 5.17
CA ALA A 119 -8.90 -1.11 4.66
C ALA A 119 -10.06 -2.09 4.67
N ASP A 120 -11.19 -1.67 5.24
CA ASP A 120 -12.41 -2.42 5.22
C ASP A 120 -13.52 -1.51 4.74
N PRO A 121 -13.61 -1.26 3.41
CA PRO A 121 -14.59 -0.31 2.93
C PRO A 121 -16.04 -0.72 3.20
N PRO A 122 -16.95 0.25 3.42
CA PRO A 122 -18.40 -0.11 3.56
C PRO A 122 -18.92 -0.91 2.36
N TYR A 123 -20.03 -1.63 2.56
CA TYR A 123 -20.58 -2.53 1.50
C TYR A 123 -20.94 -1.83 0.18
N ASN A 124 -21.31 -0.56 0.23
CA ASN A 124 -21.67 0.18 -0.99
C ASN A 124 -20.54 0.93 -1.74
N VAL A 125 -19.27 0.57 -1.48
CA VAL A 125 -18.13 1.05 -2.25
C VAL A 125 -17.83 -0.03 -3.25
N ASP A 126 -17.90 0.31 -4.53
CA ASP A 126 -17.61 -0.67 -5.59
C ASP A 126 -16.11 -0.99 -5.71
N SER A 127 -15.83 -2.21 -6.16
CA SER A 127 -14.46 -2.67 -6.23
C SER A 127 -13.65 -1.83 -7.18
N ALA A 128 -14.26 -1.37 -8.28
CA ALA A 128 -13.54 -0.57 -9.24
C ALA A 128 -13.09 0.78 -8.61
N ASP A 129 -13.89 1.31 -7.67
CA ASP A 129 -13.50 2.48 -6.89
C ASP A 129 -12.40 2.18 -5.88
N VAL A 130 -12.45 1.00 -5.24
CA VAL A 130 -11.34 0.55 -4.44
C VAL A 130 -10.07 0.45 -5.30
N ASP A 131 -10.17 -0.12 -6.53
CA ASP A 131 -9.02 -0.24 -7.44
C ASP A 131 -8.36 1.11 -7.70
N ALA A 132 -9.17 2.14 -7.84
CA ALA A 132 -8.62 3.47 -8.03
C ALA A 132 -7.84 3.99 -6.79
N ILE A 133 -8.36 3.68 -5.60
CA ILE A 133 -7.72 3.95 -4.33
C ILE A 133 -6.39 3.23 -4.20
N LEU A 134 -6.35 1.97 -4.66
CA LEU A 134 -5.11 1.15 -4.59
C LEU A 134 -4.04 1.77 -5.51
N ALA A 135 -4.47 2.25 -6.70
CA ALA A 135 -3.51 2.94 -7.58
C ALA A 135 -2.94 4.23 -6.89
N ALA A 136 -3.87 5.00 -6.30
CA ALA A 136 -3.57 6.25 -5.65
C ALA A 136 -2.62 6.03 -4.49
N LEU A 137 -2.80 4.96 -3.73
CA LEU A 137 -1.84 4.63 -2.64
C LEU A 137 -0.41 4.53 -3.14
N GLY A 138 -0.26 3.87 -4.26
CA GLY A 138 1.01 3.84 -4.99
C GLY A 138 1.63 5.18 -5.40
N THR A 139 0.85 6.08 -6.01
CA THR A 139 1.41 7.22 -6.66
C THR A 139 1.43 8.49 -5.82
N ASN A 140 0.68 8.53 -4.71
CA ASN A 140 0.43 9.79 -4.06
C ASN A 140 1.18 9.88 -2.72
N GLY A 141 2.18 9.02 -2.49
CA GLY A 141 3.05 9.22 -1.32
C GLY A 141 2.76 8.30 -0.15
N TRP A 142 1.65 7.53 -0.23
CA TRP A 142 1.19 6.71 0.89
C TRP A 142 2.06 5.48 1.12
N THR A 143 2.81 5.08 0.11
CA THR A 143 3.53 3.79 0.14
C THR A 143 5.01 3.95 -0.23
N ARG A 144 5.79 2.94 0.13
CA ARG A 144 7.17 2.87 -0.25
C ARG A 144 7.41 1.39 -0.59
N GLU A 145 8.59 1.11 -1.11
CA GLU A 145 8.90 -0.26 -1.46
C GLU A 145 8.82 -1.08 -0.16
N GLY A 146 8.10 -2.21 -0.20
CA GLY A 146 7.86 -3.06 0.99
C GLY A 146 6.52 -2.88 1.69
N THR A 147 5.78 -1.83 1.36
CA THR A 147 4.49 -1.55 2.03
C THR A 147 3.51 -2.64 1.70
N VAL A 148 2.86 -3.17 2.76
CA VAL A 148 1.81 -4.17 2.67
C VAL A 148 0.44 -3.48 2.64
N ALA A 149 -0.48 -3.92 1.76
CA ALA A 149 -1.87 -3.45 1.73
C ALA A 149 -2.77 -4.64 1.92
N VAL A 150 -3.76 -4.52 2.81
CA VAL A 150 -4.75 -5.51 3.07
C VAL A 150 -6.16 -4.91 2.98
N VAL A 151 -7.05 -5.54 2.17
CA VAL A 151 -8.41 -5.06 1.94
C VAL A 151 -9.36 -6.21 2.26
N GLU A 152 -10.30 -5.93 3.14
CA GLU A 152 -11.31 -6.83 3.57
C GLU A 152 -12.58 -6.53 2.77
N ARG A 153 -13.13 -7.54 2.12
CA ARG A 153 -14.34 -7.41 1.28
C ARG A 153 -15.24 -8.64 1.44
N ALA A 154 -16.58 -8.43 1.39
CA ALA A 154 -17.51 -9.52 1.35
C ALA A 154 -17.24 -10.30 0.06
N THR A 155 -17.42 -11.62 0.11
CA THR A 155 -17.13 -12.49 -1.05
C THR A 155 -17.98 -12.20 -2.27
N THR A 156 -19.19 -11.68 -2.08
CA THR A 156 -20.05 -11.23 -3.17
C THR A 156 -19.59 -10.00 -3.94
N CYS A 157 -18.67 -9.19 -3.40
CA CYS A 157 -18.03 -8.09 -4.20
C CYS A 157 -17.10 -8.69 -5.26
N ALA A 158 -16.96 -8.03 -6.40
CA ALA A 158 -15.96 -8.40 -7.40
C ALA A 158 -14.57 -8.33 -6.81
N PRO A 159 -13.69 -9.22 -7.24
CA PRO A 159 -12.30 -9.11 -6.79
C PRO A 159 -11.60 -7.80 -7.23
N LEU A 160 -10.61 -7.42 -6.46
CA LEU A 160 -9.82 -6.22 -6.73
C LEU A 160 -8.91 -6.48 -7.91
N THR A 161 -8.51 -5.40 -8.53
CA THR A 161 -7.50 -5.40 -9.54
C THR A 161 -6.38 -4.62 -8.97
N TRP A 162 -5.31 -5.31 -8.63
CA TRP A 162 -4.14 -4.65 -8.13
C TRP A 162 -3.44 -3.96 -9.28
N PRO A 163 -2.84 -2.80 -8.99
CA PRO A 163 -2.19 -2.13 -10.06
C PRO A 163 -0.71 -2.42 -10.10
N GLU A 164 -0.06 -1.83 -11.10
CA GLU A 164 1.20 -1.14 -10.86
C GLU A 164 2.18 -2.23 -10.59
N GLY A 165 3.11 -2.06 -9.66
CA GLY A 165 3.99 -3.08 -9.20
C GLY A 165 3.64 -3.39 -7.76
N TRP A 166 2.50 -4.03 -7.60
CA TRP A 166 2.18 -4.81 -6.41
C TRP A 166 2.21 -6.31 -6.70
N ARG A 167 2.80 -7.06 -5.78
CA ARG A 167 2.83 -8.48 -5.83
C ARG A 167 1.76 -8.95 -4.88
N ARG A 168 0.80 -9.70 -5.42
CA ARG A 168 -0.30 -10.24 -4.61
C ARG A 168 0.16 -11.42 -3.78
N TRP A 169 -0.29 -11.47 -2.53
CA TRP A 169 -0.14 -12.63 -1.72
C TRP A 169 -1.34 -13.53 -1.99
N PRO A 170 -1.25 -14.77 -1.51
CA PRO A 170 -2.39 -15.65 -1.72
C PRO A 170 -3.68 -15.14 -1.07
N GLN A 171 -4.78 -15.34 -1.77
CA GLN A 171 -6.06 -14.87 -1.34
C GLN A 171 -6.65 -15.78 -0.26
N ARG A 172 -7.24 -15.19 0.77
CA ARG A 172 -7.85 -15.96 1.84
C ARG A 172 -9.32 -15.68 1.88
N VAL A 173 -10.10 -16.71 2.21
CA VAL A 173 -11.53 -16.53 2.43
C VAL A 173 -11.86 -17.11 3.80
N TYR A 174 -12.88 -16.54 4.44
CA TYR A 174 -13.30 -16.93 5.82
C TYR A 174 -14.77 -16.73 5.85
N GLY A 175 -15.54 -17.79 5.87
CA GLY A 175 -17.00 -17.66 5.77
C GLY A 175 -17.20 -16.92 4.49
N ASP A 176 -17.97 -15.80 4.58
CA ASP A 176 -18.28 -14.93 3.39
C ASP A 176 -17.55 -13.55 3.33
N THR A 177 -16.37 -13.53 3.90
CA THR A 177 -15.42 -12.44 3.81
C THR A 177 -14.20 -12.96 3.05
N ARG A 178 -13.67 -12.14 2.16
CA ARG A 178 -12.33 -12.35 1.54
C ARG A 178 -11.33 -11.34 2.09
N LEU A 179 -10.08 -11.77 2.32
CA LEU A 179 -8.94 -10.89 2.41
C LEU A 179 -8.01 -10.95 1.20
N GLU A 180 -7.69 -9.77 0.67
CA GLU A 180 -6.75 -9.58 -0.45
C GLU A 180 -5.57 -8.78 0.06
N LEU A 181 -4.37 -9.32 -0.11
CA LEU A 181 -3.17 -8.80 0.47
C LEU A 181 -2.14 -8.65 -0.63
N ALA A 182 -1.34 -7.61 -0.55
CA ALA A 182 -0.30 -7.41 -1.56
C ALA A 182 0.79 -6.56 -0.98
N GLU A 183 1.95 -6.57 -1.62
CA GLU A 183 3.07 -5.69 -1.24
C GLU A 183 3.67 -4.94 -2.41
N ARG A 184 4.17 -3.75 -2.13
CA ARG A 184 4.73 -2.87 -3.11
C ARG A 184 6.18 -3.36 -3.32
N LEU A 185 6.55 -3.60 -4.59
CA LEU A 185 7.83 -4.25 -4.93
C LEU A 185 9.09 -3.43 -4.63
N SER B 1 -36.76 17.01 -15.96
CA SER B 1 -36.72 18.42 -16.50
C SER B 1 -35.58 18.55 -17.52
N MET B 2 -35.55 19.71 -18.17
CA MET B 2 -34.60 20.03 -19.22
C MET B 2 -33.98 21.38 -18.92
N THR B 3 -32.79 21.64 -19.46
CA THR B 3 -32.28 23.01 -19.52
C THR B 3 -31.65 23.24 -20.90
N ARG B 4 -31.24 24.46 -21.21
CA ARG B 4 -30.70 24.77 -22.53
C ARG B 4 -29.18 25.04 -22.47
N ILE B 5 -28.44 24.63 -23.51
CA ILE B 5 -27.06 25.10 -23.74
C ILE B 5 -27.22 26.58 -24.03
N ILE B 6 -26.33 27.42 -23.46
CA ILE B 6 -26.47 28.89 -23.56
C ILE B 6 -25.84 29.44 -24.84
N GLY B 7 -24.56 29.15 -25.05
CA GLY B 7 -23.81 29.63 -26.21
C GLY B 7 -23.10 28.60 -27.02
N GLY B 8 -22.32 29.04 -27.98
CA GLY B 8 -21.54 28.12 -28.85
C GLY B 8 -22.37 27.54 -29.99
N VAL B 9 -21.80 26.60 -30.76
CA VAL B 9 -22.52 25.99 -31.92
C VAL B 9 -23.86 25.30 -31.51
N ALA B 10 -23.93 24.74 -30.30
CA ALA B 10 -25.18 24.12 -29.78
C ALA B 10 -26.03 25.07 -28.98
N GLY B 11 -25.77 26.37 -29.13
CA GLY B 11 -26.50 27.43 -28.36
C GLY B 11 -28.00 27.25 -28.48
N GLY B 12 -28.70 27.26 -27.36
CA GLY B 12 -30.16 27.11 -27.35
C GLY B 12 -30.71 25.72 -27.56
N ARG B 13 -29.87 24.68 -27.53
CA ARG B 13 -30.39 23.32 -27.57
C ARG B 13 -30.60 22.68 -26.20
N ARG B 14 -31.70 21.92 -26.09
CA ARG B 14 -32.07 21.28 -24.85
C ARG B 14 -31.31 20.03 -24.48
N ILE B 15 -31.12 19.88 -23.17
CA ILE B 15 -30.48 18.74 -22.59
C ILE B 15 -31.25 18.38 -21.36
N ALA B 16 -31.23 17.09 -21.07
CA ALA B 16 -31.95 16.54 -19.95
C ALA B 16 -31.17 16.72 -18.67
N VAL B 17 -31.87 16.77 -17.53
CA VAL B 17 -31.26 16.97 -16.26
C VAL B 17 -31.70 15.78 -15.40
N PRO B 18 -30.77 15.13 -14.65
CA PRO B 18 -31.19 14.02 -13.76
C PRO B 18 -32.11 14.51 -12.60
N PRO B 19 -32.53 13.62 -11.67
CA PRO B 19 -33.15 14.11 -10.41
C PRO B 19 -32.29 15.20 -9.73
N ARG B 20 -32.90 16.36 -9.52
CA ARG B 20 -32.21 17.68 -9.53
C ARG B 20 -31.07 17.93 -8.51
N GLY B 21 -30.36 19.05 -8.74
CA GLY B 21 -29.34 19.61 -7.85
C GLY B 21 -29.82 20.30 -6.56
N THR B 22 -30.43 21.51 -6.63
CA THR B 22 -30.86 22.19 -7.86
C THR B 22 -29.76 23.10 -8.42
N THR B 26 -28.53 27.18 -12.36
CA THR B 26 -29.36 28.11 -13.13
C THR B 26 -28.66 28.64 -14.39
N ASP B 27 -29.48 29.19 -15.27
CA ASP B 27 -29.06 29.68 -16.55
C ASP B 27 -28.13 30.87 -16.39
N ARG B 28 -28.48 31.85 -15.54
CA ARG B 28 -27.60 32.97 -15.31
C ARG B 28 -26.27 32.47 -14.70
N VAL B 29 -26.28 31.44 -13.83
CA VAL B 29 -25.02 30.96 -13.25
C VAL B 29 -24.09 30.41 -14.32
N ARG B 30 -24.64 29.53 -15.15
CA ARG B 30 -23.85 28.92 -16.28
C ARG B 30 -23.47 29.95 -17.30
N GLU B 31 -24.40 30.84 -17.66
CA GLU B 31 -24.08 31.95 -18.61
C GLU B 31 -22.93 32.76 -18.07
N SER B 32 -23.01 33.13 -16.81
CA SER B 32 -22.02 34.01 -16.26
C SER B 32 -20.67 33.30 -16.11
N LEU B 33 -20.69 32.01 -15.68
CA LEU B 33 -19.50 31.23 -15.58
C LEU B 33 -18.68 31.30 -16.88
N PHE B 34 -19.32 31.00 -17.99
CA PHE B 34 -18.63 31.03 -19.28
C PHE B 34 -18.26 32.42 -19.76
N ASN B 35 -19.11 33.42 -19.49
CA ASN B 35 -18.70 34.85 -19.75
C ASN B 35 -17.42 35.16 -19.06
N ILE B 36 -17.31 34.78 -17.81
CA ILE B 36 -16.10 35.03 -17.06
C ILE B 36 -14.88 34.27 -17.62
N VAL B 37 -15.04 32.98 -17.86
CA VAL B 37 -13.91 32.17 -18.32
C VAL B 37 -13.51 32.58 -19.73
N THR B 38 -14.47 32.78 -20.58
CA THR B 38 -14.11 33.04 -21.98
C THR B 38 -13.62 34.48 -22.19
N ALA B 39 -13.92 35.37 -21.25
CA ALA B 39 -13.26 36.68 -21.21
C ALA B 39 -11.80 36.56 -21.06
N ARG B 40 -11.33 35.62 -20.23
CA ARG B 40 -9.91 35.48 -19.91
C ARG B 40 -9.12 34.37 -20.69
N ARG B 41 -9.83 33.46 -21.32
CA ARG B 41 -9.18 32.28 -21.97
C ARG B 41 -10.00 31.99 -23.20
N ASP B 42 -9.33 31.53 -24.23
CA ASP B 42 -10.00 31.08 -25.43
C ASP B 42 -10.44 29.62 -25.21
N LEU B 43 -11.67 29.16 -25.42
CA LEU B 43 -11.93 27.68 -25.27
C LEU B 43 -11.34 26.77 -26.35
N THR B 44 -11.05 27.41 -27.49
CA THR B 44 -10.57 26.72 -28.65
C THR B 44 -9.38 25.88 -28.35
N GLY B 45 -9.58 24.60 -28.59
CA GLY B 45 -8.55 23.61 -28.45
C GLY B 45 -8.29 23.15 -27.02
N LEU B 46 -9.04 23.65 -26.07
CA LEU B 46 -8.81 23.24 -24.66
C LEU B 46 -9.35 21.88 -24.25
N ALA B 47 -8.67 21.27 -23.27
CA ALA B 47 -9.10 20.05 -22.64
C ALA B 47 -9.81 20.42 -21.35
N VAL B 48 -10.94 19.80 -21.10
CA VAL B 48 -11.82 20.14 -20.01
C VAL B 48 -12.07 18.92 -19.15
N LEU B 49 -12.23 19.11 -17.84
CA LEU B 49 -12.63 18.07 -16.92
C LEU B 49 -13.91 18.53 -16.24
N ASP B 50 -15.00 17.71 -16.25
CA ASP B 50 -16.30 18.11 -15.63
C ASP B 50 -16.61 17.12 -14.53
N LEU B 51 -16.32 17.52 -13.29
CA LEU B 51 -16.43 16.64 -12.12
C LEU B 51 -17.78 16.80 -11.46
N TYR B 52 -18.34 15.67 -11.01
CA TYR B 52 -19.71 15.59 -10.48
C TYR B 52 -20.64 16.13 -11.60
N ALA B 53 -20.46 15.66 -12.82
CA ALA B 53 -21.06 16.33 -13.98
C ALA B 53 -22.58 16.38 -14.01
N GLY B 54 -23.27 15.42 -13.38
CA GLY B 54 -24.74 15.51 -13.18
C GLY B 54 -25.44 15.37 -14.52
N SER B 55 -25.87 16.50 -15.13
CA SER B 55 -26.44 16.48 -16.48
C SER B 55 -25.35 16.62 -17.58
N GLY B 56 -24.14 16.98 -17.21
CA GLY B 56 -23.15 17.33 -18.20
C GLY B 56 -23.26 18.74 -18.72
N ALA B 57 -24.17 19.58 -18.20
CA ALA B 57 -24.45 20.92 -18.74
C ALA B 57 -23.19 21.77 -18.84
N LEU B 58 -22.31 21.73 -17.84
CA LEU B 58 -21.06 22.51 -17.93
C LEU B 58 -20.06 22.09 -19.02
N GLY B 59 -19.73 20.80 -19.02
CA GLY B 59 -18.80 20.25 -19.99
C GLY B 59 -19.38 20.36 -21.40
N LEU B 60 -20.68 20.15 -21.51
CA LEU B 60 -21.31 20.26 -22.84
C LEU B 60 -21.30 21.72 -23.34
N GLU B 61 -21.50 22.66 -22.42
CA GLU B 61 -21.35 24.10 -22.75
C GLU B 61 -19.97 24.35 -23.28
N ALA B 62 -18.96 23.78 -22.62
CA ALA B 62 -17.56 23.96 -23.03
C ALA B 62 -17.25 23.41 -24.44
N LEU B 63 -17.75 22.21 -24.70
CA LEU B 63 -17.69 21.61 -26.02
C LEU B 63 -18.40 22.49 -27.08
N SER B 64 -19.63 22.91 -26.78
CA SER B 64 -20.37 23.84 -27.65
C SER B 64 -19.55 25.05 -28.06
N ARG B 65 -18.78 25.60 -27.13
CA ARG B 65 -17.95 26.81 -27.39
C ARG B 65 -16.54 26.50 -27.89
N GLY B 66 -16.29 25.27 -28.28
CA GLY B 66 -15.08 24.99 -29.01
C GLY B 66 -14.02 24.24 -28.27
N ALA B 67 -14.30 23.71 -27.06
CA ALA B 67 -13.32 22.85 -26.39
C ALA B 67 -12.98 21.62 -27.23
N ALA B 68 -11.73 21.16 -27.14
CA ALA B 68 -11.30 20.01 -27.94
C ALA B 68 -11.76 18.72 -27.30
N SER B 69 -11.77 18.66 -25.97
CA SER B 69 -12.20 17.51 -25.27
C SER B 69 -12.81 17.80 -23.91
N VAL B 70 -13.71 16.92 -23.48
CA VAL B 70 -14.21 16.94 -22.11
C VAL B 70 -14.32 15.57 -21.59
N LEU B 71 -13.74 15.33 -20.42
CA LEU B 71 -13.88 14.14 -19.65
C LEU B 71 -14.93 14.43 -18.54
N PHE B 72 -16.08 13.79 -18.63
CA PHE B 72 -17.14 13.90 -17.64
C PHE B 72 -16.98 12.78 -16.59
N VAL B 73 -16.98 13.14 -15.30
CA VAL B 73 -16.86 12.17 -14.27
C VAL B 73 -18.13 12.31 -13.40
N GLU B 74 -18.82 11.21 -13.20
CA GLU B 74 -20.10 11.16 -12.49
C GLU B 74 -20.33 9.81 -11.87
N SER B 75 -20.71 9.76 -10.60
CA SER B 75 -20.86 8.47 -9.90
C SER B 75 -22.27 7.83 -10.07
N ASP B 76 -23.30 8.63 -10.27
CA ASP B 76 -24.66 8.10 -10.25
C ASP B 76 -24.96 7.55 -11.63
N GLN B 77 -25.42 6.31 -11.65
CA GLN B 77 -25.69 5.61 -12.90
C GLN B 77 -26.80 6.24 -13.77
N ARG B 78 -27.94 6.63 -13.19
CA ARG B 78 -28.95 7.36 -13.98
C ARG B 78 -28.38 8.66 -14.51
N SER B 79 -27.65 9.40 -13.68
CA SER B 79 -27.00 10.62 -14.15
C SER B 79 -26.02 10.37 -15.29
N ALA B 80 -25.22 9.30 -15.21
CA ALA B 80 -24.31 8.96 -16.30
C ALA B 80 -25.06 8.66 -17.55
N ALA B 81 -26.22 8.00 -17.41
CA ALA B 81 -27.09 7.71 -18.56
C ALA B 81 -27.59 8.98 -19.23
N VAL B 82 -27.98 9.95 -18.39
CA VAL B 82 -28.43 11.26 -18.89
C VAL B 82 -27.32 12.00 -19.63
N ILE B 83 -26.13 12.01 -19.07
CA ILE B 83 -24.95 12.65 -19.76
C ILE B 83 -24.76 12.05 -21.20
N ALA B 84 -24.71 10.72 -21.24
CA ALA B 84 -24.52 10.00 -22.47
C ALA B 84 -25.61 10.39 -23.43
N ARG B 85 -26.85 10.40 -22.98
CA ARG B 85 -27.96 10.82 -23.85
C ARG B 85 -27.73 12.26 -24.37
N ASN B 86 -27.28 13.14 -23.49
CA ASN B 86 -27.02 14.53 -23.90
C ASN B 86 -25.82 14.65 -24.87
N ILE B 87 -24.78 13.87 -24.67
CA ILE B 87 -23.66 13.90 -25.61
C ILE B 87 -24.10 13.52 -27.02
N GLU B 88 -24.84 12.43 -27.08
CA GLU B 88 -25.38 11.93 -28.33
C GLU B 88 -26.35 12.95 -28.96
N ALA B 89 -27.23 13.57 -28.19
CA ALA B 89 -28.18 14.54 -28.72
C ALA B 89 -27.50 15.73 -29.35
N LEU B 90 -26.48 16.26 -28.67
CA LEU B 90 -25.75 17.44 -29.20
C LEU B 90 -24.91 17.09 -30.43
N GLY B 91 -24.40 15.87 -30.47
CA GLY B 91 -23.62 15.43 -31.60
C GLY B 91 -22.25 16.04 -31.68
N LEU B 92 -21.69 16.48 -30.56
CA LEU B 92 -20.39 17.12 -30.61
C LEU B 92 -19.34 16.10 -30.21
N SER B 93 -18.24 16.15 -30.92
CA SER B 93 -17.13 15.24 -30.70
C SER B 93 -16.32 15.68 -29.50
N GLY B 94 -15.52 14.77 -28.95
CA GLY B 94 -14.51 15.07 -27.94
C GLY B 94 -14.90 14.70 -26.52
N ALA B 95 -16.09 14.14 -26.37
CA ALA B 95 -16.63 13.77 -25.05
C ALA B 95 -16.24 12.38 -24.68
N THR B 96 -15.72 12.19 -23.45
CA THR B 96 -15.54 10.88 -22.85
C THR B 96 -16.27 10.87 -21.50
N LEU B 97 -16.93 9.78 -21.20
CA LEU B 97 -17.70 9.62 -19.95
C LEU B 97 -17.11 8.55 -19.05
N ARG B 98 -16.69 8.93 -17.86
CA ARG B 98 -16.16 8.02 -16.88
C ARG B 98 -17.08 7.93 -15.69
N ARG B 99 -17.75 6.79 -15.54
CA ARG B 99 -18.69 6.61 -14.42
C ARG B 99 -17.94 5.98 -13.25
N GLY B 100 -17.96 6.64 -12.11
CA GLY B 100 -17.21 6.17 -10.95
C GLY B 100 -17.22 7.22 -9.85
N ALA B 101 -16.71 6.81 -8.67
CA ALA B 101 -16.67 7.70 -7.55
C ALA B 101 -15.66 8.83 -7.86
N VAL B 102 -16.14 10.06 -7.83
CA VAL B 102 -15.36 11.16 -8.35
C VAL B 102 -14.01 11.36 -7.64
N ALA B 103 -14.03 11.36 -6.31
CA ALA B 103 -12.77 11.54 -5.58
C ALA B 103 -11.78 10.39 -5.79
N ALA B 104 -12.29 9.19 -5.98
CA ALA B 104 -11.44 8.07 -6.24
C ALA B 104 -10.79 8.19 -7.63
N VAL B 105 -11.54 8.65 -8.62
CA VAL B 105 -10.98 8.97 -9.96
C VAL B 105 -9.90 10.01 -9.84
N VAL B 106 -10.21 11.08 -9.13
CA VAL B 106 -9.25 12.12 -8.93
C VAL B 106 -8.00 11.63 -8.21
N ALA B 107 -8.20 10.81 -7.22
CA ALA B 107 -7.06 10.20 -6.46
C ALA B 107 -6.03 9.45 -7.34
N ALA B 108 -6.56 8.67 -8.29
CA ALA B 108 -5.77 7.78 -9.13
C ALA B 108 -5.04 8.60 -10.20
N GLY B 109 -5.54 9.78 -10.54
CA GLY B 109 -4.72 10.70 -11.33
C GLY B 109 -4.74 10.43 -12.85
N THR B 110 -3.80 11.06 -13.55
CA THR B 110 -3.74 10.98 -14.99
C THR B 110 -2.40 11.42 -15.45
N THR B 111 -2.10 11.09 -16.69
CA THR B 111 -0.93 11.68 -17.38
C THR B 111 -1.33 12.66 -18.44
N SER B 112 -2.64 12.92 -18.53
CA SER B 112 -3.19 13.88 -19.42
C SER B 112 -3.85 15.10 -18.72
N PRO B 113 -3.09 16.20 -18.53
CA PRO B 113 -3.67 17.40 -17.90
C PRO B 113 -4.75 18.06 -18.73
N VAL B 114 -5.62 18.79 -18.03
CA VAL B 114 -6.61 19.63 -18.67
C VAL B 114 -6.25 21.12 -18.45
N ASP B 115 -6.94 21.92 -19.24
CA ASP B 115 -6.84 23.40 -19.16
C ASP B 115 -7.94 24.04 -18.34
N LEU B 116 -9.05 23.33 -18.14
CA LEU B 116 -10.20 23.88 -17.43
C LEU B 116 -10.86 22.75 -16.62
N VAL B 117 -11.02 22.97 -15.30
CA VAL B 117 -11.73 22.04 -14.45
C VAL B 117 -13.06 22.70 -14.00
N LEU B 118 -14.18 22.02 -14.22
CA LEU B 118 -15.52 22.50 -13.79
C LEU B 118 -16.05 21.54 -12.81
N ALA B 119 -16.58 22.03 -11.70
CA ALA B 119 -17.05 21.14 -10.68
C ALA B 119 -18.25 21.73 -9.95
N ASP B 120 -19.34 20.97 -9.91
CA ASP B 120 -20.55 21.33 -9.15
C ASP B 120 -20.91 20.23 -8.16
N PRO B 121 -20.16 20.14 -7.05
CA PRO B 121 -20.34 18.96 -6.18
C PRO B 121 -21.79 18.86 -5.59
N PRO B 122 -22.30 17.65 -5.27
CA PRO B 122 -23.61 17.61 -4.55
C PRO B 122 -23.63 18.35 -3.19
N TYR B 123 -24.83 18.74 -2.75
CA TYR B 123 -24.99 19.49 -1.46
C TYR B 123 -24.29 18.77 -0.28
N ASN B 124 -24.40 17.46 -0.23
CA ASN B 124 -23.83 16.66 0.87
C ASN B 124 -22.29 16.48 0.89
N VAL B 125 -21.54 17.17 0.02
CA VAL B 125 -20.08 17.08 -0.03
C VAL B 125 -19.53 18.28 0.69
N ASP B 126 -18.77 18.05 1.75
CA ASP B 126 -18.21 19.17 2.55
C ASP B 126 -17.09 19.95 1.85
N SER B 127 -16.96 21.23 2.18
CA SER B 127 -15.99 22.09 1.56
C SER B 127 -14.59 21.61 1.82
N ALA B 128 -14.32 21.14 3.03
CA ALA B 128 -13.03 20.50 3.34
C ALA B 128 -12.66 19.28 2.47
N ASP B 129 -13.65 18.49 2.04
CA ASP B 129 -13.41 17.39 1.08
C ASP B 129 -13.20 17.91 -0.32
N VAL B 130 -13.97 18.95 -0.72
CA VAL B 130 -13.63 19.66 -1.97
C VAL B 130 -12.18 20.21 -1.94
N ASP B 131 -11.75 20.81 -0.81
CA ASP B 131 -10.40 21.36 -0.68
C ASP B 131 -9.34 20.30 -0.99
N ALA B 132 -9.57 19.10 -0.48
CA ALA B 132 -8.64 18.01 -0.70
C ALA B 132 -8.59 17.57 -2.18
N ILE B 133 -9.75 17.62 -2.85
CA ILE B 133 -9.85 17.44 -4.30
C ILE B 133 -9.04 18.47 -5.04
N LEU B 134 -9.17 19.74 -4.61
CA LEU B 134 -8.42 20.84 -5.25
C LEU B 134 -6.91 20.61 -5.13
N ALA B 135 -6.44 20.15 -3.96
CA ALA B 135 -5.01 19.77 -3.79
C ALA B 135 -4.61 18.66 -4.76
N ALA B 136 -5.43 17.61 -4.78
CA ALA B 136 -5.25 16.44 -5.62
C ALA B 136 -5.16 16.84 -7.09
N LEU B 137 -6.00 17.79 -7.53
CA LEU B 137 -5.94 18.26 -8.95
C LEU B 137 -4.59 18.80 -9.34
N GLY B 138 -3.97 19.56 -8.44
CA GLY B 138 -2.63 20.05 -8.65
C GLY B 138 -1.54 19.00 -8.67
N THR B 139 -1.59 17.99 -7.82
CA THR B 139 -0.45 17.08 -7.65
C THR B 139 -0.49 15.80 -8.49
N ASN B 140 -1.68 15.44 -9.01
CA ASN B 140 -1.90 14.10 -9.53
C ASN B 140 -2.02 14.03 -11.05
N GLY B 141 -1.62 15.11 -11.75
CA GLY B 141 -1.53 15.12 -13.21
C GLY B 141 -2.65 15.82 -13.92
N TRP B 142 -3.71 16.23 -13.19
CA TRP B 142 -4.87 16.85 -13.85
C TRP B 142 -4.66 18.27 -14.38
N THR B 143 -3.67 18.95 -13.88
CA THR B 143 -3.49 20.37 -14.18
C THR B 143 -2.09 20.63 -14.74
N ARG B 144 -1.95 21.80 -15.35
CA ARG B 144 -0.68 22.27 -15.80
C ARG B 144 -0.70 23.80 -15.57
N GLU B 145 0.41 24.47 -15.85
CA GLU B 145 0.48 25.94 -15.71
C GLU B 145 -0.63 26.58 -16.55
N GLY B 146 -1.46 27.42 -15.93
CA GLY B 146 -2.55 28.04 -16.68
C GLY B 146 -3.90 27.39 -16.50
N THR B 147 -3.97 26.17 -15.97
CA THR B 147 -5.23 25.50 -15.82
C THR B 147 -6.14 26.34 -14.92
N VAL B 148 -7.38 26.55 -15.37
CA VAL B 148 -8.46 27.24 -14.65
C VAL B 148 -9.37 26.23 -13.93
N ALA B 149 -9.71 26.51 -12.67
CA ALA B 149 -10.64 25.66 -11.93
C ALA B 149 -11.77 26.50 -11.45
N VAL B 150 -12.99 25.97 -11.55
CA VAL B 150 -14.21 26.68 -11.25
C VAL B 150 -15.12 25.73 -10.46
N VAL B 151 -15.52 26.16 -9.26
CA VAL B 151 -16.32 25.32 -8.40
C VAL B 151 -17.61 26.13 -8.05
N GLU B 152 -18.74 25.50 -8.28
CA GLU B 152 -20.04 26.07 -8.03
C GLU B 152 -20.51 25.49 -6.75
N ARG B 153 -20.87 26.35 -5.80
CA ARG B 153 -21.40 25.89 -4.46
C ARG B 153 -22.58 26.77 -3.95
N ALA B 154 -23.53 26.18 -3.21
CA ALA B 154 -24.49 27.01 -2.44
C ALA B 154 -23.76 27.96 -1.46
N THR B 155 -24.29 29.18 -1.31
CA THR B 155 -23.66 30.17 -0.42
C THR B 155 -23.66 29.76 1.05
N THR B 156 -24.54 28.85 1.46
CA THR B 156 -24.50 28.26 2.83
C THR B 156 -23.30 27.33 3.09
N CYS B 157 -22.75 26.70 2.04
CA CYS B 157 -21.46 25.97 2.16
C CYS B 157 -20.33 26.93 2.59
N ALA B 158 -19.42 26.46 3.41
CA ALA B 158 -18.23 27.20 3.77
C ALA B 158 -17.36 27.44 2.55
N PRO B 159 -16.63 28.54 2.54
CA PRO B 159 -15.78 28.76 1.38
C PRO B 159 -14.63 27.76 1.28
N LEU B 160 -14.13 27.63 0.06
CA LEU B 160 -13.03 26.74 -0.26
C LEU B 160 -11.75 27.32 0.24
N THR B 161 -10.80 26.43 0.49
CA THR B 161 -9.44 26.78 0.77
C THR B 161 -8.61 26.31 -0.42
N TRP B 162 -8.13 27.24 -1.21
CA TRP B 162 -7.38 26.89 -2.37
C TRP B 162 -5.94 26.59 -1.99
N PRO B 163 -5.37 25.57 -2.58
CA PRO B 163 -3.97 25.23 -2.33
C PRO B 163 -2.91 26.16 -2.92
N GLU B 164 -1.70 25.94 -2.42
CA GLU B 164 -0.55 25.72 -3.30
C GLU B 164 -0.30 26.91 -4.15
N GLY B 165 -0.21 26.73 -5.45
CA GLY B 165 0.14 27.78 -6.35
C GLY B 165 -1.07 28.02 -7.21
N TRP B 166 -2.21 28.24 -6.55
CA TRP B 166 -3.40 28.77 -7.23
C TRP B 166 -3.59 30.26 -6.88
N ARG B 167 -3.77 31.09 -7.91
CA ARG B 167 -4.16 32.43 -7.77
C ARG B 167 -5.71 32.47 -7.94
N ARG B 168 -6.38 32.91 -6.90
CA ARG B 168 -7.82 33.06 -6.93
C ARG B 168 -8.23 34.25 -7.76
N TRP B 169 -9.29 34.09 -8.55
CA TRP B 169 -9.94 35.16 -9.22
C TRP B 169 -11.05 35.72 -8.31
N PRO B 170 -11.63 36.86 -8.67
CA PRO B 170 -12.67 37.42 -7.80
C PRO B 170 -13.88 36.50 -7.69
N GLN B 171 -14.33 36.38 -6.45
CA GLN B 171 -15.46 35.56 -6.15
C GLN B 171 -16.79 36.19 -6.58
N ARG B 172 -17.67 35.38 -7.17
CA ARG B 172 -18.95 35.89 -7.64
C ARG B 172 -20.12 35.16 -6.98
N VAL B 173 -21.21 35.88 -6.78
CA VAL B 173 -22.41 35.29 -6.16
C VAL B 173 -23.60 35.65 -7.00
N TYR B 174 -24.57 34.75 -7.06
CA TYR B 174 -25.70 34.81 -8.00
C TYR B 174 -26.82 34.18 -7.22
N GLY B 175 -27.70 34.97 -6.67
CA GLY B 175 -28.75 34.44 -5.82
C GLY B 175 -28.07 33.77 -4.65
N ASP B 176 -28.46 32.51 -4.40
CA ASP B 176 -27.87 31.64 -3.38
C ASP B 176 -26.74 30.68 -3.83
N THR B 177 -26.11 31.00 -4.95
CA THR B 177 -24.94 30.25 -5.45
C THR B 177 -23.75 31.15 -5.48
N ARG B 178 -22.60 30.56 -5.13
CA ARG B 178 -21.30 31.20 -5.28
C ARG B 178 -20.46 30.47 -6.35
N LEU B 179 -19.66 31.23 -7.11
CA LEU B 179 -18.64 30.66 -7.99
C LEU B 179 -17.28 31.06 -7.46
N GLU B 180 -16.45 30.04 -7.17
CA GLU B 180 -15.03 30.19 -6.84
C GLU B 180 -14.21 29.79 -8.04
N LEU B 181 -13.35 30.66 -8.52
CA LEU B 181 -12.56 30.46 -9.75
C LEU B 181 -11.13 30.66 -9.37
N ALA B 182 -10.21 29.87 -9.91
CA ALA B 182 -8.79 30.10 -9.69
C ALA B 182 -7.97 29.57 -10.84
N GLU B 183 -6.69 29.94 -10.90
CA GLU B 183 -5.77 29.45 -11.93
C GLU B 183 -4.46 29.00 -11.38
N ARG B 184 -3.92 27.91 -11.95
CA ARG B 184 -2.70 27.27 -11.47
C ARG B 184 -1.51 28.16 -11.89
N LEU B 185 -0.69 28.57 -10.93
CA LEU B 185 0.56 29.29 -11.19
C LEU B 185 1.64 28.31 -11.57
N SER C 1 34.01 -29.59 21.57
CA SER C 1 33.01 -28.85 22.42
C SER C 1 31.58 -28.97 21.85
N MET C 2 30.61 -28.44 22.58
CA MET C 2 29.18 -28.42 22.24
C MET C 2 28.68 -26.98 22.21
N THR C 3 27.58 -26.72 21.51
CA THR C 3 26.80 -25.48 21.70
C THR C 3 25.33 -25.90 21.81
N ARG C 4 24.40 -24.96 22.01
CA ARG C 4 22.94 -25.31 22.15
C ARG C 4 22.05 -24.67 21.04
N ILE C 5 21.05 -25.40 20.58
CA ILE C 5 20.01 -24.79 19.72
C ILE C 5 19.32 -23.77 20.62
N ILE C 6 19.01 -22.58 20.06
CA ILE C 6 18.47 -21.45 20.85
C ILE C 6 16.96 -21.57 20.99
N GLY C 7 16.28 -21.55 19.87
CA GLY C 7 14.84 -21.62 19.91
C GLY C 7 14.23 -22.61 19.00
N GLY C 8 12.90 -22.52 18.85
CA GLY C 8 12.12 -23.54 18.12
C GLY C 8 11.89 -24.84 18.87
N VAL C 9 11.38 -25.88 18.19
CA VAL C 9 10.99 -27.16 18.85
C VAL C 9 12.16 -27.91 19.51
N ALA C 10 13.39 -27.73 19.02
CA ALA C 10 14.61 -28.31 19.61
C ALA C 10 15.38 -27.32 20.53
N GLY C 11 14.80 -26.14 20.77
CA GLY C 11 15.41 -25.12 21.65
C GLY C 11 16.03 -25.69 22.93
N GLY C 12 17.25 -25.25 23.24
CA GLY C 12 17.98 -25.78 24.39
C GLY C 12 18.61 -27.16 24.23
N ARG C 13 18.49 -27.79 23.06
CA ARG C 13 19.15 -29.09 22.85
C ARG C 13 20.58 -28.88 22.35
N ARG C 14 21.48 -29.75 22.80
CA ARG C 14 22.90 -29.65 22.47
C ARG C 14 23.33 -30.26 21.19
N ILE C 15 24.35 -29.66 20.58
CA ILE C 15 24.91 -30.14 19.35
C ILE C 15 26.41 -29.99 19.37
N ALA C 16 27.10 -30.87 18.65
CA ALA C 16 28.55 -30.95 18.71
C ALA C 16 29.10 -29.92 17.77
N VAL C 17 30.32 -29.45 18.04
CA VAL C 17 30.96 -28.50 17.18
C VAL C 17 32.24 -29.16 16.71
N PRO C 18 32.61 -29.02 15.42
CA PRO C 18 33.92 -29.56 14.99
C PRO C 18 35.08 -28.76 15.64
N PRO C 19 36.35 -29.06 15.30
CA PRO C 19 37.47 -28.30 15.94
C PRO C 19 37.50 -26.79 15.64
N ARG C 20 37.09 -26.00 16.64
CA ARG C 20 37.03 -24.52 16.58
C ARG C 20 36.19 -23.94 15.41
N GLY C 21 36.18 -22.61 15.23
CA GLY C 21 35.20 -21.94 14.36
C GLY C 21 35.52 -20.51 13.92
N THR C 22 35.69 -19.54 14.84
CA THR C 22 35.38 -19.68 16.29
C THR C 22 34.05 -18.98 16.61
N THR C 26 29.27 -17.44 18.56
CA THR C 26 28.54 -17.22 19.82
C THR C 26 27.02 -17.38 19.75
N ASP C 27 26.44 -17.61 20.92
CA ASP C 27 25.02 -17.75 21.10
C ASP C 27 24.28 -16.47 20.85
N ARG C 28 24.83 -15.34 21.32
CA ARG C 28 24.24 -14.05 20.97
C ARG C 28 24.13 -13.83 19.45
N VAL C 29 25.18 -14.24 18.70
CA VAL C 29 25.20 -13.99 17.27
C VAL C 29 24.15 -14.83 16.61
N ARG C 30 24.10 -16.11 16.98
CA ARG C 30 23.06 -17.00 16.41
C ARG C 30 21.63 -16.59 16.87
N GLU C 31 21.44 -16.26 18.16
CA GLU C 31 20.15 -15.78 18.65
C GLU C 31 19.71 -14.56 17.88
N SER C 32 20.64 -13.62 17.71
CA SER C 32 20.28 -12.38 17.07
C SER C 32 19.95 -12.57 15.64
N LEU C 33 20.75 -13.37 14.96
CA LEU C 33 20.51 -13.64 13.56
C LEU C 33 19.05 -14.08 13.34
N PHE C 34 18.60 -15.05 14.08
CA PHE C 34 17.26 -15.56 13.92
C PHE C 34 16.18 -14.61 14.43
N ASN C 35 16.47 -13.78 15.44
CA ASN C 35 15.52 -12.68 15.85
C ASN C 35 15.28 -11.77 14.72
N ILE C 36 16.37 -11.40 14.04
CA ILE C 36 16.33 -10.50 12.86
C ILE C 36 15.54 -11.07 11.66
N VAL C 37 15.92 -12.29 11.29
CA VAL C 37 15.22 -12.98 10.20
C VAL C 37 13.75 -13.28 10.50
N THR C 38 13.50 -13.82 11.67
CA THR C 38 12.14 -14.29 11.99
C THR C 38 11.25 -13.11 12.29
N ALA C 39 11.84 -11.98 12.65
CA ALA C 39 11.06 -10.76 12.79
C ALA C 39 10.45 -10.39 11.46
N ARG C 40 11.22 -10.52 10.36
CA ARG C 40 10.80 -10.16 9.00
C ARG C 40 10.29 -11.30 8.06
N ARG C 41 10.23 -12.55 8.51
CA ARG C 41 9.85 -13.69 7.60
C ARG C 41 9.38 -14.78 8.55
N ASP C 42 8.39 -15.58 8.16
CA ASP C 42 7.98 -16.77 8.90
C ASP C 42 8.98 -17.85 8.44
N LEU C 43 9.63 -18.64 9.27
CA LEU C 43 10.44 -19.80 8.74
C LEU C 43 9.55 -20.98 8.22
N THR C 44 8.30 -21.06 8.70
CA THR C 44 7.37 -22.10 8.24
C THR C 44 7.35 -22.31 6.77
N GLY C 45 7.67 -23.54 6.38
CA GLY C 45 7.63 -23.94 4.98
C GLY C 45 8.86 -23.55 4.15
N LEU C 46 9.83 -22.87 4.76
CA LEU C 46 10.91 -22.32 3.96
C LEU C 46 11.98 -23.35 3.67
N ALA C 47 12.61 -23.21 2.51
CA ALA C 47 13.79 -23.97 2.10
C ALA C 47 15.00 -23.13 2.44
N VAL C 48 16.02 -23.79 2.97
CA VAL C 48 17.18 -23.13 3.55
C VAL C 48 18.44 -23.79 2.96
N LEU C 49 19.48 -22.98 2.70
CA LEU C 49 20.79 -23.43 2.27
C LEU C 49 21.80 -22.99 3.31
N ASP C 50 22.58 -23.93 3.89
CA ASP C 50 23.56 -23.57 4.93
C ASP C 50 24.98 -23.89 4.39
N LEU C 51 25.69 -22.86 3.97
CA LEU C 51 26.98 -23.03 3.34
C LEU C 51 28.14 -22.92 4.31
N TYR C 52 29.17 -23.72 4.07
CA TYR C 52 30.32 -23.82 5.00
C TYR C 52 29.71 -24.16 6.38
N ALA C 53 28.83 -25.16 6.42
CA ALA C 53 27.96 -25.39 7.59
C ALA C 53 28.66 -25.71 8.90
N GLY C 54 29.84 -26.34 8.87
CA GLY C 54 30.66 -26.48 10.08
C GLY C 54 30.01 -27.46 11.03
N SER C 55 29.47 -26.96 12.13
CA SER C 55 28.64 -27.81 13.03
C SER C 55 27.24 -28.09 12.50
N GLY C 56 26.80 -27.27 11.58
CA GLY C 56 25.37 -27.26 11.24
C GLY C 56 24.43 -26.40 12.10
N ALA C 57 24.96 -25.71 13.12
CA ALA C 57 24.20 -24.88 14.06
C ALA C 57 23.17 -23.96 13.42
N LEU C 58 23.56 -23.28 12.33
CA LEU C 58 22.64 -22.35 11.68
C LEU C 58 21.46 -23.07 11.00
N GLY C 59 21.75 -24.07 10.21
CA GLY C 59 20.68 -24.84 9.51
C GLY C 59 19.78 -25.58 10.44
N LEU C 60 20.38 -26.13 11.49
CA LEU C 60 19.60 -26.88 12.47
C LEU C 60 18.68 -25.95 13.26
N GLU C 61 19.17 -24.74 13.58
CA GLU C 61 18.30 -23.67 14.19
C GLU C 61 17.09 -23.41 13.32
N ALA C 62 17.31 -23.29 12.02
CA ALA C 62 16.23 -23.05 11.07
C ALA C 62 15.21 -24.17 11.01
N LEU C 63 15.72 -25.40 10.96
CA LEU C 63 14.85 -26.58 11.08
C LEU C 63 14.08 -26.57 12.42
N SER C 64 14.76 -26.26 13.52
CA SER C 64 14.11 -26.19 14.82
C SER C 64 12.91 -25.26 14.82
N ARG C 65 13.04 -24.15 14.08
CA ARG C 65 12.04 -23.08 13.99
C ARG C 65 11.07 -23.20 12.81
N GLY C 66 11.09 -24.36 12.15
CA GLY C 66 9.99 -24.76 11.32
C GLY C 66 10.28 -24.73 9.87
N ALA C 67 11.56 -24.62 9.48
CA ALA C 67 11.87 -24.64 8.07
C ALA C 67 11.53 -26.03 7.53
N ALA C 68 11.07 -26.07 6.30
CA ALA C 68 10.69 -27.33 5.67
C ALA C 68 11.95 -28.13 5.27
N SER C 69 12.97 -27.44 4.75
CA SER C 69 14.23 -28.11 4.35
C SER C 69 15.47 -27.30 4.59
N VAL C 70 16.59 -28.03 4.80
CA VAL C 70 17.88 -27.44 4.83
C VAL C 70 18.85 -28.34 4.09
N LEU C 71 19.55 -27.78 3.14
CA LEU C 71 20.68 -28.39 2.50
C LEU C 71 21.93 -27.82 3.18
N PHE C 72 22.65 -28.66 3.89
CA PHE C 72 23.97 -28.33 4.48
C PHE C 72 25.09 -28.64 3.50
N VAL C 73 26.00 -27.66 3.26
CA VAL C 73 27.09 -27.89 2.34
C VAL C 73 28.35 -27.64 3.17
N GLU C 74 29.25 -28.59 3.19
CA GLU C 74 30.46 -28.58 4.01
C GLU C 74 31.54 -29.42 3.40
N SER C 75 32.78 -28.92 3.34
CA SER C 75 33.89 -29.59 2.63
C SER C 75 34.71 -30.50 3.55
N ASP C 76 34.81 -30.14 4.80
CA ASP C 76 35.59 -30.92 5.74
C ASP C 76 34.89 -32.22 6.12
N GLN C 77 35.54 -33.36 5.95
CA GLN C 77 34.91 -34.67 6.28
C GLN C 77 34.55 -34.87 7.76
N ARG C 78 35.42 -34.49 8.69
CA ARG C 78 35.05 -34.58 10.09
C ARG C 78 33.86 -33.64 10.41
N SER C 79 33.87 -32.44 9.82
CA SER C 79 32.75 -31.50 10.03
C SER C 79 31.46 -32.11 9.52
N ALA C 80 31.49 -32.68 8.32
CA ALA C 80 30.31 -33.38 7.77
C ALA C 80 29.83 -34.47 8.66
N ALA C 81 30.74 -35.26 9.25
CA ALA C 81 30.33 -36.28 10.25
C ALA C 81 29.60 -35.69 11.47
N VAL C 82 30.13 -34.56 11.96
CA VAL C 82 29.55 -33.86 13.10
C VAL C 82 28.14 -33.37 12.71
N ILE C 83 28.03 -32.77 11.53
CA ILE C 83 26.66 -32.35 11.04
C ILE C 83 25.67 -33.53 11.03
N ALA C 84 26.10 -34.65 10.44
CA ALA C 84 25.23 -35.81 10.33
C ALA C 84 24.86 -36.26 11.72
N ARG C 85 25.84 -36.28 12.60
CA ARG C 85 25.52 -36.68 13.99
C ARG C 85 24.48 -35.74 14.63
N ASN C 86 24.60 -34.44 14.36
CA ASN C 86 23.71 -33.45 14.95
C ASN C 86 22.31 -33.59 14.35
N ILE C 87 22.22 -33.78 13.04
CA ILE C 87 20.93 -34.03 12.40
C ILE C 87 20.22 -35.20 13.06
N GLU C 88 20.95 -36.27 13.26
CA GLU C 88 20.37 -37.45 13.84
C GLU C 88 19.97 -37.18 15.30
N ALA C 89 20.84 -36.54 16.06
CA ALA C 89 20.57 -36.31 17.49
C ALA C 89 19.28 -35.51 17.71
N LEU C 90 19.02 -34.54 16.84
CA LEU C 90 17.83 -33.66 16.96
C LEU C 90 16.55 -34.35 16.46
N GLY C 91 16.67 -35.21 15.47
CA GLY C 91 15.52 -35.99 15.02
C GLY C 91 14.59 -35.19 14.13
N LEU C 92 15.03 -34.07 13.55
CA LEU C 92 14.13 -33.24 12.76
C LEU C 92 14.24 -33.62 11.31
N SER C 93 13.11 -33.62 10.63
CA SER C 93 13.02 -34.00 9.22
C SER C 93 13.46 -32.86 8.33
N GLY C 94 13.78 -33.18 7.09
CA GLY C 94 14.08 -32.20 6.06
C GLY C 94 15.49 -31.81 5.78
N ALA C 95 16.43 -32.47 6.46
CA ALA C 95 17.85 -32.17 6.30
C ALA C 95 18.48 -33.00 5.24
N THR C 96 19.27 -32.38 4.36
CA THR C 96 20.17 -33.08 3.47
C THR C 96 21.61 -32.59 3.61
N LEU C 97 22.60 -33.47 3.55
CA LEU C 97 23.97 -33.11 3.73
C LEU C 97 24.74 -33.35 2.48
N ARG C 98 25.38 -32.31 1.95
CA ARG C 98 26.23 -32.41 0.77
C ARG C 98 27.65 -32.08 1.12
N ARG C 99 28.50 -33.10 1.09
CA ARG C 99 29.91 -32.94 1.42
C ARG C 99 30.62 -32.66 0.10
N GLY C 100 31.24 -31.50 0.01
CA GLY C 100 31.94 -31.08 -1.21
C GLY C 100 32.50 -29.68 -1.00
N ALA C 101 33.40 -29.29 -1.90
CA ALA C 101 33.89 -27.93 -1.94
C ALA C 101 32.73 -26.94 -2.21
N VAL C 102 32.56 -26.01 -1.29
CA VAL C 102 31.39 -25.18 -1.26
C VAL C 102 31.23 -24.32 -2.53
N ALA C 103 32.29 -23.67 -2.97
CA ALA C 103 32.22 -22.82 -4.12
C ALA C 103 31.95 -23.63 -5.39
N ALA C 104 32.40 -24.90 -5.40
CA ALA C 104 32.13 -25.79 -6.51
C ALA C 104 30.65 -26.21 -6.61
N VAL C 105 30.05 -26.56 -5.49
CA VAL C 105 28.64 -26.87 -5.40
C VAL C 105 27.87 -25.66 -5.85
N VAL C 106 28.24 -24.50 -5.32
CA VAL C 106 27.52 -23.29 -5.67
C VAL C 106 27.63 -22.98 -7.18
N ALA C 107 28.83 -23.23 -7.70
CA ALA C 107 29.11 -23.06 -9.15
C ALA C 107 28.21 -23.91 -10.03
N ALA C 108 28.03 -25.17 -9.65
CA ALA C 108 27.21 -26.07 -10.48
C ALA C 108 25.72 -25.73 -10.41
N GLY C 109 25.27 -25.04 -9.39
CA GLY C 109 23.89 -24.57 -9.38
C GLY C 109 22.83 -25.59 -9.04
N THR C 110 21.58 -25.21 -9.30
CA THR C 110 20.47 -25.99 -8.91
C THR C 110 19.26 -25.53 -9.65
N THR C 111 18.26 -26.40 -9.67
CA THR C 111 16.92 -26.06 -10.17
C THR C 111 15.94 -25.88 -9.04
N SER C 112 16.36 -26.09 -7.79
CA SER C 112 15.57 -25.91 -6.59
C SER C 112 16.03 -24.70 -5.71
N PRO C 113 15.44 -23.50 -5.94
CA PRO C 113 15.77 -22.33 -5.13
C PRO C 113 15.44 -22.49 -3.67
N VAL C 114 16.13 -21.71 -2.86
CA VAL C 114 15.84 -21.65 -1.43
C VAL C 114 15.34 -20.21 -1.11
N ASP C 115 14.80 -20.11 0.09
CA ASP C 115 14.27 -18.87 0.66
C ASP C 115 15.19 -18.20 1.61
N LEU C 116 16.20 -18.91 2.12
CA LEU C 116 17.10 -18.36 3.13
C LEU C 116 18.47 -19.03 2.93
N VAL C 117 19.52 -18.20 2.69
CA VAL C 117 20.90 -18.68 2.61
C VAL C 117 21.67 -18.24 3.86
N LEU C 118 22.28 -19.17 4.56
CA LEU C 118 23.11 -18.90 5.75
C LEU C 118 24.50 -19.27 5.41
N ALA C 119 25.48 -18.42 5.72
CA ALA C 119 26.84 -18.74 5.42
C ALA C 119 27.76 -18.19 6.49
N ASP C 120 28.72 -19.00 6.91
CA ASP C 120 29.75 -18.59 7.84
C ASP C 120 31.10 -19.08 7.33
N PRO C 121 31.64 -18.37 6.33
CA PRO C 121 32.83 -18.94 5.70
C PRO C 121 34.01 -19.09 6.72
N PRO C 122 34.92 -20.08 6.55
CA PRO C 122 36.19 -20.06 7.31
C PRO C 122 36.98 -18.76 7.28
N TYR C 123 37.83 -18.61 8.32
CA TYR C 123 38.77 -17.45 8.42
C TYR C 123 39.53 -17.16 7.10
N ASN C 124 40.02 -18.19 6.43
CA ASN C 124 40.87 -18.01 5.25
C ASN C 124 40.17 -17.77 3.88
N VAL C 125 38.85 -17.52 3.88
CA VAL C 125 38.11 -17.19 2.63
C VAL C 125 38.04 -15.69 2.54
N ASP C 126 38.65 -15.13 1.49
CA ASP C 126 38.61 -13.67 1.29
C ASP C 126 37.24 -13.17 0.94
N SER C 127 36.98 -11.91 1.29
CA SER C 127 35.63 -11.36 1.07
C SER C 127 35.31 -11.27 -0.41
N ALA C 128 36.33 -11.01 -1.24
CA ALA C 128 36.12 -10.95 -2.66
C ALA C 128 35.73 -12.27 -3.29
N ASP C 129 36.14 -13.42 -2.73
CA ASP C 129 35.66 -14.73 -3.14
C ASP C 129 34.26 -14.97 -2.63
N VAL C 130 33.96 -14.55 -1.40
CA VAL C 130 32.58 -14.56 -0.94
C VAL C 130 31.65 -13.76 -1.91
N ASP C 131 32.08 -12.56 -2.34
CA ASP C 131 31.33 -11.70 -3.25
C ASP C 131 30.96 -12.45 -4.53
N ALA C 132 31.91 -13.22 -5.03
CA ALA C 132 31.70 -14.07 -6.20
C ALA C 132 30.65 -15.18 -5.93
N ILE C 133 30.66 -15.78 -4.73
CA ILE C 133 29.65 -16.73 -4.29
C ILE C 133 28.26 -16.04 -4.25
N LEU C 134 28.22 -14.79 -3.77
CA LEU C 134 26.95 -14.06 -3.69
C LEU C 134 26.36 -13.81 -5.04
N ALA C 135 27.22 -13.45 -6.02
CA ALA C 135 26.75 -13.32 -7.40
C ALA C 135 26.18 -14.64 -7.94
N ALA C 136 26.94 -15.73 -7.71
CA ALA C 136 26.56 -17.05 -8.15
C ALA C 136 25.21 -17.49 -7.55
N LEU C 137 24.94 -17.14 -6.29
CA LEU C 137 23.63 -17.48 -5.69
C LEU C 137 22.47 -16.91 -6.50
N GLY C 138 22.62 -15.65 -6.89
CA GLY C 138 21.69 -15.02 -7.78
C GLY C 138 21.46 -15.66 -9.12
N THR C 139 22.53 -16.10 -9.79
CA THR C 139 22.43 -16.45 -11.18
C THR C 139 22.31 -17.96 -11.40
N ASN C 140 22.70 -18.79 -10.43
CA ASN C 140 22.82 -20.24 -10.67
C ASN C 140 21.64 -21.04 -10.16
N GLY C 141 20.52 -20.37 -9.88
CA GLY C 141 19.28 -21.09 -9.47
C GLY C 141 19.02 -21.21 -7.98
N TRP C 142 19.98 -20.76 -7.15
CA TRP C 142 19.81 -20.95 -5.70
C TRP C 142 18.79 -20.05 -5.03
N THR C 143 18.44 -18.95 -5.67
CA THR C 143 17.60 -17.93 -5.08
C THR C 143 16.43 -17.60 -6.02
N ARG C 144 15.43 -16.95 -5.44
CA ARG C 144 14.24 -16.50 -6.13
C ARG C 144 13.88 -15.10 -5.50
N GLU C 145 12.85 -14.39 -6.03
CA GLU C 145 12.47 -13.07 -5.46
C GLU C 145 12.10 -13.32 -3.99
N GLY C 146 12.64 -12.49 -3.10
CA GLY C 146 12.41 -12.62 -1.65
C GLY C 146 13.43 -13.41 -0.85
N THR C 147 14.40 -14.04 -1.54
CA THR C 147 15.32 -14.90 -0.82
C THR C 147 16.20 -13.99 0.05
N VAL C 148 16.36 -14.37 1.31
CA VAL C 148 17.22 -13.70 2.27
C VAL C 148 18.56 -14.42 2.33
N ALA C 149 19.67 -13.67 2.34
CA ALA C 149 21.06 -14.22 2.49
C ALA C 149 21.70 -13.56 3.70
N VAL C 150 22.30 -14.37 4.59
CA VAL C 150 22.95 -13.88 5.75
C VAL C 150 24.38 -14.45 5.79
N VAL C 151 25.36 -13.56 5.94
CA VAL C 151 26.78 -13.98 5.95
C VAL C 151 27.37 -13.46 7.26
N GLU C 152 27.98 -14.35 8.03
CA GLU C 152 28.72 -14.01 9.22
C GLU C 152 30.20 -13.97 8.93
N ARG C 153 30.84 -12.87 9.33
CA ARG C 153 32.22 -12.64 9.13
C ARG C 153 32.83 -11.95 10.36
N ALA C 154 34.09 -12.25 10.64
CA ALA C 154 34.86 -11.47 11.62
C ALA C 154 34.95 -10.00 11.15
N THR C 155 34.92 -9.06 12.09
CA THR C 155 34.88 -7.63 11.76
C THR C 155 36.17 -7.19 11.10
N THR C 156 37.29 -7.92 11.28
CA THR C 156 38.52 -7.61 10.52
C THR C 156 38.47 -7.94 9.03
N CYS C 157 37.55 -8.80 8.61
CA CYS C 157 37.35 -9.06 7.15
C CYS C 157 36.76 -7.83 6.45
N ALA C 158 37.20 -7.60 5.23
CA ALA C 158 36.63 -6.54 4.44
C ALA C 158 35.12 -6.79 4.26
N PRO C 159 34.33 -5.74 4.20
CA PRO C 159 32.89 -5.94 4.00
C PRO C 159 32.55 -6.54 2.63
N LEU C 160 31.43 -7.24 2.57
CA LEU C 160 30.96 -7.80 1.32
C LEU C 160 30.52 -6.71 0.34
N THR C 161 30.51 -7.07 -0.94
CA THR C 161 30.00 -6.26 -2.01
C THR C 161 28.84 -7.06 -2.54
N TRP C 162 27.65 -6.58 -2.27
CA TRP C 162 26.51 -7.25 -2.74
C TRP C 162 26.32 -6.97 -4.24
N PRO C 163 25.85 -7.95 -4.97
CA PRO C 163 25.61 -7.69 -6.34
C PRO C 163 24.24 -7.12 -6.67
N GLU C 164 24.16 -6.73 -7.93
CA GLU C 164 23.05 -7.07 -8.80
C GLU C 164 21.79 -6.51 -8.25
N GLY C 165 20.83 -7.32 -7.84
CA GLY C 165 19.57 -6.83 -7.39
C GLY C 165 19.31 -7.37 -5.98
N TRP C 166 20.25 -7.09 -5.10
CA TRP C 166 20.02 -7.32 -3.68
C TRP C 166 19.85 -6.03 -2.90
N ARG C 167 18.87 -5.99 -2.01
CA ARG C 167 18.64 -4.90 -1.09
C ARG C 167 19.25 -5.30 0.26
N ARG C 168 20.30 -4.55 0.65
CA ARG C 168 20.97 -4.77 1.93
C ARG C 168 20.08 -4.35 3.08
N TRP C 169 20.07 -5.13 4.15
CA TRP C 169 19.41 -4.78 5.39
C TRP C 169 20.45 -4.09 6.23
N PRO C 170 20.02 -3.53 7.36
CA PRO C 170 21.03 -2.89 8.19
C PRO C 170 22.11 -3.84 8.73
N GLN C 171 23.34 -3.38 8.67
CA GLN C 171 24.45 -4.18 9.12
C GLN C 171 24.49 -4.24 10.65
N ARG C 172 24.80 -5.40 11.22
CA ARG C 172 24.85 -5.55 12.67
C ARG C 172 26.18 -6.14 13.13
N VAL C 173 26.66 -5.64 14.27
CA VAL C 173 27.91 -6.10 14.84
C VAL C 173 27.65 -6.58 16.28
N TYR C 174 28.50 -7.51 16.74
CA TYR C 174 28.36 -8.26 17.99
C TYR C 174 29.72 -8.63 18.43
N GLY C 175 30.27 -7.91 19.37
CA GLY C 175 31.69 -8.12 19.70
C GLY C 175 32.42 -7.89 18.39
N ASP C 176 33.24 -8.90 18.02
CA ASP C 176 34.14 -8.93 16.84
C ASP C 176 33.59 -9.71 15.56
N THR C 177 32.29 -9.88 15.50
CA THR C 177 31.58 -10.55 14.40
C THR C 177 30.63 -9.55 13.83
N ARG C 178 30.51 -9.55 12.50
CA ARG C 178 29.56 -8.70 11.73
C ARG C 178 28.56 -9.65 11.06
N LEU C 179 27.31 -9.25 11.00
CA LEU C 179 26.30 -9.96 10.19
C LEU C 179 25.89 -9.03 9.06
N GLU C 180 26.04 -9.50 7.81
CA GLU C 180 25.55 -8.82 6.62
C GLU C 180 24.38 -9.60 6.11
N LEU C 181 23.28 -8.89 5.83
CA LEU C 181 22.00 -9.51 5.54
C LEU C 181 21.45 -8.75 4.33
N ALA C 182 20.87 -9.48 3.38
CA ALA C 182 20.27 -8.88 2.23
C ALA C 182 19.17 -9.76 1.69
N GLU C 183 18.33 -9.18 0.80
CA GLU C 183 17.22 -9.91 0.18
C GLU C 183 17.23 -9.64 -1.30
N ARG C 184 16.85 -10.67 -2.07
CA ARG C 184 16.78 -10.61 -3.53
C ARG C 184 15.47 -9.88 -3.91
N LEU C 185 15.61 -8.82 -4.72
CA LEU C 185 14.48 -7.93 -5.11
C LEU C 185 13.47 -8.58 -6.02
#